data_9BRL
#
_entry.id   9BRL
#
_cell.length_a   137.534
_cell.length_b   137.534
_cell.length_c   70.780
_cell.angle_alpha   90.000
_cell.angle_beta   90.000
_cell.angle_gamma   90.000
#
_symmetry.space_group_name_H-M   'P 41 21 2'
#
loop_
_entity.id
_entity.type
_entity.pdbx_description
1 polymer 'G protein-coupled receptor kinase 5'
2 non-polymer (3Z)-3-({3,5-dimethyl-4-[(4-methylpiperidin-4-yl)carbamoyl]-1H-pyrrol-2-yl}methylidene)-2-oxo-N-[(1R)-1-phenylethyl]-3,7-dihydro-2H-indole-5-carboxamide
3 water water
#
_entity_poly.entity_id   1
_entity_poly.type   'polypeptide(L)'
_entity_poly.pdbx_seq_one_letter_code
;MELENIVANTVLLKAREGGGGKRKGKSKKWKEILKFPHISQCEDLRRTIDRDYCSLCDKQPIGRLLFRQFCETRPGLECY
IQFLDSVAEYEVTPDEKLGEKGKEIMTKYLTPKSPVFIAQVGQDLVSQTEEKLLQKPCKELFSACAQSVHEYLRGEPFHE
YLDSMFFDRFLQWKWLERQPVTKNTFRQYRVLGKGGFGEVCACQVRATGKMYACKRLEKKRIKKRKGESMALNEKQILEK
VNSQFVVNLAYAYETKDALCLVLTIMNGGDLKFHIYNMGNPGFEEERALFYAAEILCGLEDLHRENTVYRNLKPENILLD
DYGHIRISDLGLAVKIPEGDLIRGRVGTVGYMAPEVLNNQRYGLSPDYWGLGCLIYEMIEGQSPFRGRKEKVKREEVDRR
VLETEEVYSHKFSEEAKSICKMLLTKDAKQRLGCQEEGAAEVKRHPFFRNMNFKRLEAGMLDPPFVPDPRAVYCKDVLDI
EQFSTVKGVNLDHTDDDFYSKFSTGSVSIPWQNEMIETECFKELNVFGPNGTLPPDLNRNHPPEPPKKGLLQRLFKRQHQ
NNSKSSPSSKTSFNHHINSNHVSSNSTGSSVDHHHHHH
;
_entity_poly.pdbx_strand_id   A
#
# COMPACT_ATOMS: atom_id res chain seq x y z
N GLY A 25 15.86 18.06 -5.77
CA GLY A 25 16.80 18.92 -5.06
C GLY A 25 17.14 18.38 -3.69
N LYS A 26 18.23 17.61 -3.63
CA LYS A 26 18.64 16.94 -2.40
C LYS A 26 19.45 17.92 -1.55
N SER A 27 20.12 17.39 -0.52
CA SER A 27 20.99 18.22 0.29
C SER A 27 22.28 18.49 -0.45
N LYS A 28 23.28 19.00 0.24
CA LYS A 28 24.56 19.39 -0.34
C LYS A 28 25.61 18.32 -0.11
N LYS A 29 25.69 17.82 1.11
CA LYS A 29 26.59 16.75 1.51
C LYS A 29 25.78 15.50 1.85
N TRP A 30 24.80 15.18 1.02
CA TRP A 30 23.95 14.02 1.29
C TRP A 30 24.71 12.71 1.09
N LYS A 31 25.67 12.70 0.16
CA LYS A 31 26.52 11.53 0.01
C LYS A 31 27.29 11.22 1.29
N GLU A 32 27.45 12.21 2.18
CA GLU A 32 28.08 11.96 3.46
C GLU A 32 27.08 11.54 4.53
N ILE A 33 25.84 12.02 4.43
CA ILE A 33 24.80 11.57 5.36
C ILE A 33 24.50 10.09 5.13
N LEU A 34 24.19 9.71 3.89
CA LEU A 34 23.95 8.32 3.53
C LEU A 34 25.23 7.58 3.19
N LYS A 35 26.38 8.03 3.68
CA LYS A 35 27.62 7.32 3.44
C LYS A 35 27.57 5.95 4.11
N PHE A 36 27.88 4.90 3.35
CA PHE A 36 27.87 3.56 3.91
C PHE A 36 28.82 3.50 5.10
N PRO A 37 28.45 2.79 6.16
CA PRO A 37 29.42 2.45 7.20
C PRO A 37 30.31 1.31 6.73
N HIS A 38 31.50 1.23 7.33
CA HIS A 38 32.36 0.10 7.04
C HIS A 38 31.66 -1.18 7.50
N ILE A 39 31.82 -2.25 6.72
CA ILE A 39 31.09 -3.49 6.96
C ILE A 39 31.33 -4.00 8.38
N SER A 40 32.45 -3.59 8.99
CA SER A 40 32.74 -4.02 10.36
C SER A 40 31.75 -3.44 11.38
N GLN A 41 30.99 -2.41 11.01
CA GLN A 41 29.99 -1.86 11.91
C GLN A 41 28.72 -2.70 11.95
N CYS A 42 28.54 -3.62 11.01
CA CYS A 42 27.27 -4.32 10.83
C CYS A 42 27.25 -5.73 11.39
N GLU A 43 28.22 -6.09 12.23
CA GLU A 43 28.23 -7.45 12.77
C GLU A 43 26.99 -7.70 13.63
N ASP A 44 26.61 -6.73 14.47
CA ASP A 44 25.39 -6.89 15.26
C ASP A 44 24.18 -7.03 14.34
N LEU A 45 24.14 -6.28 13.25
CA LEU A 45 23.11 -6.48 12.24
C LEU A 45 23.13 -7.92 11.72
N ARG A 46 24.30 -8.40 11.31
CA ARG A 46 24.39 -9.72 10.70
C ARG A 46 23.81 -10.80 11.61
N ARG A 47 24.08 -10.70 12.91
CA ARG A 47 23.72 -11.76 13.84
C ARG A 47 22.28 -11.69 14.33
N THR A 48 21.51 -10.67 13.93
CA THR A 48 20.13 -10.54 14.40
C THR A 48 19.09 -10.50 13.28
N ILE A 49 19.45 -10.03 12.08
CA ILE A 49 18.49 -10.02 10.98
C ILE A 49 18.07 -11.46 10.71
N ASP A 50 16.77 -11.73 10.77
CA ASP A 50 16.26 -13.05 10.44
C ASP A 50 16.44 -13.30 8.95
N ARG A 51 17.05 -14.44 8.61
CA ARG A 51 17.40 -14.76 7.23
C ARG A 51 16.22 -15.40 6.51
N ASP A 52 15.12 -14.66 6.46
CA ASP A 52 13.92 -15.09 5.74
C ASP A 52 14.06 -14.71 4.28
N TYR A 53 13.93 -15.71 3.39
CA TYR A 53 14.12 -15.48 1.97
C TYR A 53 13.12 -14.46 1.43
N CYS A 54 11.83 -14.68 1.67
CA CYS A 54 10.83 -13.78 1.12
C CYS A 54 11.04 -12.34 1.60
N SER A 55 11.53 -12.17 2.83
CA SER A 55 11.75 -10.83 3.35
C SER A 55 12.99 -10.20 2.74
N LEU A 56 14.11 -10.92 2.73
CA LEU A 56 15.37 -10.34 2.27
C LEU A 56 15.46 -10.22 0.76
N CYS A 57 14.71 -11.02 0.00
CA CYS A 57 14.86 -11.07 -1.44
C CYS A 57 13.65 -10.58 -2.23
N ASP A 58 12.54 -10.24 -1.55
CA ASP A 58 11.35 -9.79 -2.27
C ASP A 58 10.67 -8.64 -1.53
N LYS A 59 10.29 -8.87 -0.27
CA LYS A 59 9.52 -7.85 0.45
C LYS A 59 10.30 -6.54 0.55
N GLN A 60 11.53 -6.60 1.06
CA GLN A 60 12.31 -5.38 1.24
C GLN A 60 12.88 -4.93 -0.11
N PRO A 61 12.49 -3.76 -0.61
CA PRO A 61 12.91 -3.36 -1.98
C PRO A 61 14.41 -3.43 -2.21
N ILE A 62 15.22 -2.90 -1.29
CA ILE A 62 16.66 -2.88 -1.52
C ILE A 62 17.24 -4.29 -1.47
N GLY A 63 16.70 -5.13 -0.59
CA GLY A 63 17.14 -6.52 -0.57
C GLY A 63 16.80 -7.24 -1.86
N ARG A 64 15.59 -7.03 -2.38
CA ARG A 64 15.20 -7.63 -3.64
C ARG A 64 16.16 -7.23 -4.75
N LEU A 65 16.51 -5.95 -4.83
CA LEU A 65 17.43 -5.50 -5.87
C LEU A 65 18.81 -6.12 -5.67
N LEU A 66 19.31 -6.11 -4.43
CA LEU A 66 20.66 -6.65 -4.18
C LEU A 66 20.72 -8.14 -4.48
N PHE A 67 19.66 -8.88 -4.14
CA PHE A 67 19.64 -10.30 -4.49
C PHE A 67 19.59 -10.48 -6.00
N ARG A 68 18.67 -9.77 -6.68
CA ARG A 68 18.64 -9.83 -8.13
C ARG A 68 20.00 -9.48 -8.71
N GLN A 69 20.65 -8.44 -8.19
CA GLN A 69 21.97 -8.07 -8.68
C GLN A 69 22.97 -9.19 -8.47
N PHE A 70 22.92 -9.87 -7.32
CA PHE A 70 23.77 -11.03 -7.10
C PHE A 70 23.54 -12.08 -8.18
N CYS A 71 22.28 -12.29 -8.56
CA CYS A 71 21.99 -13.31 -9.58
C CYS A 71 22.49 -12.88 -10.95
N GLU A 72 22.53 -11.57 -11.23
CA GLU A 72 23.02 -11.14 -12.53
C GLU A 72 24.47 -11.59 -12.76
N THR A 73 25.23 -11.77 -11.69
CA THR A 73 26.65 -12.12 -11.83
C THR A 73 26.80 -13.57 -12.30
N ARG A 74 26.13 -14.50 -11.63
CA ARG A 74 26.22 -15.90 -12.02
C ARG A 74 25.43 -16.13 -13.30
N PRO A 75 26.01 -16.77 -14.32
CA PRO A 75 25.20 -17.09 -15.51
C PRO A 75 24.04 -18.03 -15.21
N GLY A 76 24.17 -18.86 -14.17
CA GLY A 76 23.15 -19.87 -13.90
C GLY A 76 21.85 -19.30 -13.39
N LEU A 77 21.90 -18.17 -12.68
CA LEU A 77 20.70 -17.59 -12.10
C LEU A 77 20.11 -16.45 -12.93
N GLU A 78 20.88 -15.88 -13.86
CA GLU A 78 20.36 -14.83 -14.73
C GLU A 78 19.02 -15.25 -15.34
N CYS A 79 18.98 -16.41 -15.98
CA CYS A 79 17.78 -16.84 -16.67
C CYS A 79 16.59 -16.96 -15.71
N TYR A 80 16.85 -17.32 -14.45
CA TYR A 80 15.76 -17.47 -13.49
C TYR A 80 15.14 -16.12 -13.16
N ILE A 81 15.96 -15.08 -13.01
CA ILE A 81 15.42 -13.75 -12.72
C ILE A 81 14.65 -13.22 -13.93
N GLN A 82 15.18 -13.45 -15.14
CA GLN A 82 14.50 -12.95 -16.34
C GLN A 82 13.14 -13.63 -16.52
N PHE A 83 13.06 -14.93 -16.25
CA PHE A 83 11.80 -15.65 -16.40
C PHE A 83 10.74 -15.07 -15.46
N LEU A 84 11.09 -14.86 -14.20
CA LEU A 84 10.14 -14.31 -13.24
C LEU A 84 9.64 -12.94 -13.71
N ASP A 85 10.54 -12.12 -14.26
CA ASP A 85 10.12 -10.84 -14.81
C ASP A 85 9.09 -11.02 -15.93
N SER A 86 9.37 -11.96 -16.84
CA SER A 86 8.44 -12.19 -17.94
C SER A 86 7.10 -12.72 -17.44
N VAL A 87 7.12 -13.54 -16.38
CA VAL A 87 5.88 -14.05 -15.83
C VAL A 87 5.11 -12.91 -15.16
N ALA A 88 5.81 -11.98 -14.52
CA ALA A 88 5.14 -10.81 -13.98
C ALA A 88 4.50 -9.99 -15.09
N GLU A 89 5.18 -9.87 -16.24
CA GLU A 89 4.59 -9.19 -17.38
C GLU A 89 3.39 -9.95 -17.92
N TYR A 90 3.43 -11.28 -17.88
CA TYR A 90 2.34 -12.08 -18.40
C TYR A 90 1.08 -11.95 -17.55
N GLU A 91 1.24 -11.96 -16.22
CA GLU A 91 0.09 -11.83 -15.33
C GLU A 91 -0.76 -10.61 -15.63
N VAL A 92 -0.18 -9.61 -16.31
CA VAL A 92 -0.84 -8.32 -16.51
C VAL A 92 -1.15 -8.04 -17.97
N THR A 93 -0.69 -8.87 -18.90
CA THR A 93 -1.01 -8.66 -20.31
C THR A 93 -2.53 -8.66 -20.51
N PRO A 94 -3.02 -7.85 -21.45
CA PRO A 94 -4.47 -7.86 -21.73
C PRO A 94 -4.95 -9.21 -22.23
N ASP A 95 -6.22 -9.50 -21.92
CA ASP A 95 -6.77 -10.82 -22.20
C ASP A 95 -6.48 -11.30 -23.61
N GLU A 96 -6.77 -10.45 -24.61
CA GLU A 96 -6.61 -10.89 -25.99
C GLU A 96 -5.17 -11.28 -26.33
N LYS A 97 -4.21 -10.87 -25.51
CA LYS A 97 -2.80 -11.03 -25.86
C LYS A 97 -2.03 -11.91 -24.87
N LEU A 98 -2.71 -12.84 -24.20
CA LEU A 98 -1.98 -13.77 -23.34
C LEU A 98 -1.31 -14.87 -24.17
N GLY A 99 -2.02 -15.43 -25.14
CA GLY A 99 -1.43 -16.47 -25.97
C GLY A 99 -0.20 -15.98 -26.72
N GLU A 100 -0.24 -14.75 -27.21
CA GLU A 100 0.93 -14.17 -27.86
C GLU A 100 2.09 -14.05 -26.88
N LYS A 101 1.80 -13.64 -25.64
CA LYS A 101 2.84 -13.51 -24.63
C LYS A 101 3.24 -14.87 -24.06
N GLY A 102 2.27 -15.77 -23.88
CA GLY A 102 2.57 -17.07 -23.32
C GLY A 102 3.52 -17.87 -24.19
N LYS A 103 3.21 -17.97 -25.49
CA LYS A 103 4.07 -18.67 -26.43
C LYS A 103 5.51 -18.15 -26.33
N GLU A 104 5.68 -16.84 -26.50
CA GLU A 104 6.99 -16.22 -26.39
C GLU A 104 7.76 -16.71 -25.17
N ILE A 105 7.12 -16.68 -23.99
CA ILE A 105 7.79 -17.10 -22.76
C ILE A 105 8.18 -18.57 -22.85
N MET A 106 7.33 -19.39 -23.48
CA MET A 106 7.59 -20.83 -23.50
C MET A 106 8.74 -21.17 -24.44
N THR A 107 8.85 -20.47 -25.57
CA THR A 107 9.93 -20.75 -26.50
C THR A 107 11.27 -20.17 -26.05
N LYS A 108 11.28 -19.30 -25.04
CA LYS A 108 12.49 -18.65 -24.59
C LYS A 108 13.04 -19.26 -23.30
N TYR A 109 12.17 -19.67 -22.38
CA TYR A 109 12.58 -20.19 -21.09
C TYR A 109 12.24 -21.65 -20.86
N LEU A 110 11.28 -22.21 -21.58
CA LEU A 110 10.82 -23.58 -21.36
C LEU A 110 11.15 -24.51 -22.52
N THR A 111 11.93 -24.04 -23.51
CA THR A 111 12.43 -24.92 -24.56
C THR A 111 13.81 -25.45 -24.16
N PRO A 112 14.09 -26.74 -24.30
CA PRO A 112 15.29 -27.31 -23.66
C PRO A 112 16.60 -26.72 -24.16
N LYS A 113 16.66 -26.27 -25.42
CA LYS A 113 17.91 -25.83 -26.02
C LYS A 113 17.97 -24.32 -26.23
N SER A 114 17.10 -23.57 -25.55
CA SER A 114 17.19 -22.12 -25.59
C SER A 114 18.45 -21.67 -24.82
N PRO A 115 18.99 -20.50 -25.17
CA PRO A 115 20.21 -20.04 -24.46
C PRO A 115 19.97 -19.77 -22.99
N VAL A 116 18.75 -19.42 -22.61
CA VAL A 116 18.39 -19.16 -21.21
C VAL A 116 17.25 -20.11 -20.86
N PHE A 117 17.61 -21.32 -20.43
CA PHE A 117 16.64 -22.35 -20.10
C PHE A 117 16.57 -22.54 -18.59
N ILE A 118 15.36 -22.74 -18.09
CA ILE A 118 15.10 -22.95 -16.67
C ILE A 118 15.02 -24.46 -16.44
N ALA A 119 16.05 -25.02 -15.83
CA ALA A 119 16.15 -26.47 -15.70
C ALA A 119 15.55 -26.99 -14.39
N GLN A 120 15.62 -26.22 -13.31
CA GLN A 120 15.06 -26.64 -12.04
C GLN A 120 13.54 -26.72 -12.08
N VAL A 121 12.90 -26.21 -13.12
CA VAL A 121 11.49 -26.48 -13.39
C VAL A 121 11.47 -27.71 -14.29
N GLY A 122 11.38 -28.88 -13.66
CA GLY A 122 11.46 -30.14 -14.38
C GLY A 122 10.59 -30.19 -15.62
N GLN A 123 10.96 -31.04 -16.58
CA GLN A 123 10.15 -31.21 -17.79
C GLN A 123 8.72 -31.59 -17.40
N ASP A 124 8.57 -32.38 -16.34
CA ASP A 124 7.23 -32.75 -15.88
C ASP A 124 6.35 -31.53 -15.61
N LEU A 125 6.94 -30.35 -15.44
CA LEU A 125 6.18 -29.11 -15.32
C LEU A 125 6.10 -28.34 -16.63
N VAL A 126 7.11 -28.43 -17.49
CA VAL A 126 7.03 -27.73 -18.77
C VAL A 126 6.00 -28.41 -19.67
N SER A 127 5.87 -29.72 -19.59
CA SER A 127 4.83 -30.42 -20.34
C SER A 127 3.44 -30.00 -19.85
N GLN A 128 3.28 -29.82 -18.55
CA GLN A 128 1.99 -29.42 -18.00
C GLN A 128 1.59 -28.04 -18.48
N THR A 129 2.52 -27.08 -18.43
CA THR A 129 2.21 -25.73 -18.88
C THR A 129 1.96 -25.68 -20.38
N GLU A 130 2.64 -26.53 -21.16
CA GLU A 130 2.36 -26.62 -22.59
C GLU A 130 0.92 -27.06 -22.84
N GLU A 131 0.37 -27.89 -21.97
CA GLU A 131 -1.04 -28.28 -22.09
C GLU A 131 -1.95 -27.07 -21.89
N LYS A 132 -1.70 -26.27 -20.86
CA LYS A 132 -2.54 -25.12 -20.61
C LYS A 132 -2.50 -24.13 -21.77
N LEU A 133 -1.37 -24.07 -22.50
CA LEU A 133 -1.29 -23.23 -23.70
C LEU A 133 -1.80 -23.95 -24.94
N LEU A 134 -1.92 -25.28 -24.90
CA LEU A 134 -2.72 -25.99 -25.90
C LEU A 134 -4.21 -25.75 -25.72
N GLN A 135 -4.61 -25.15 -24.60
CA GLN A 135 -5.99 -24.77 -24.34
C GLN A 135 -6.04 -23.27 -24.08
N LYS A 136 -7.20 -22.77 -23.67
CA LYS A 136 -7.35 -21.34 -23.44
C LYS A 136 -6.36 -20.86 -22.39
N PRO A 137 -5.54 -19.84 -22.69
CA PRO A 137 -4.60 -19.35 -21.67
C PRO A 137 -5.31 -18.66 -20.52
N CYS A 138 -4.86 -18.97 -19.31
CA CYS A 138 -5.29 -18.30 -18.10
C CYS A 138 -4.21 -17.33 -17.62
N LYS A 139 -4.61 -16.38 -16.79
CA LYS A 139 -3.66 -15.40 -16.27
C LYS A 139 -2.68 -16.01 -15.27
N GLU A 140 -2.92 -17.22 -14.80
CA GLU A 140 -2.03 -17.92 -13.87
C GLU A 140 -1.34 -19.09 -14.55
N LEU A 141 -0.89 -18.88 -15.79
CA LEU A 141 -0.32 -19.96 -16.59
C LEU A 141 0.97 -20.48 -15.96
N PHE A 142 1.89 -19.57 -15.62
CA PHE A 142 3.21 -19.95 -15.12
C PHE A 142 3.30 -19.91 -13.61
N SER A 143 2.17 -19.89 -12.90
CA SER A 143 2.21 -19.89 -11.44
C SER A 143 2.95 -21.11 -10.91
N ALA A 144 2.62 -22.29 -11.44
CA ALA A 144 3.32 -23.50 -11.00
C ALA A 144 4.82 -23.38 -11.26
N CYS A 145 5.19 -22.99 -12.47
CA CYS A 145 6.61 -22.78 -12.78
C CYS A 145 7.23 -21.81 -11.78
N ALA A 146 6.69 -20.59 -11.70
CA ALA A 146 7.29 -19.55 -10.86
C ALA A 146 7.55 -20.02 -9.44
N GLN A 147 6.66 -20.87 -8.90
CA GLN A 147 6.90 -21.41 -7.57
C GLN A 147 8.06 -22.41 -7.58
N SER A 148 8.10 -23.28 -8.59
CA SER A 148 9.27 -24.15 -8.75
C SER A 148 10.55 -23.32 -8.82
N VAL A 149 10.49 -22.14 -9.42
CA VAL A 149 11.66 -21.28 -9.51
C VAL A 149 12.05 -20.78 -8.12
N HIS A 150 11.08 -20.19 -7.40
CA HIS A 150 11.37 -19.64 -6.08
C HIS A 150 11.85 -20.71 -5.13
N GLU A 151 11.23 -21.89 -5.15
CA GLU A 151 11.69 -22.99 -4.29
C GLU A 151 13.16 -23.30 -4.54
N TYR A 152 13.62 -23.17 -5.78
CA TYR A 152 15.03 -23.39 -6.06
C TYR A 152 15.89 -22.23 -5.56
N LEU A 153 15.37 -21.01 -5.64
CA LEU A 153 16.17 -19.85 -5.29
C LEU A 153 16.32 -19.67 -3.77
N ARG A 154 15.32 -20.09 -3.00
CA ARG A 154 15.43 -20.03 -1.55
C ARG A 154 16.47 -21.00 -1.00
N GLY A 155 16.95 -21.93 -1.82
CA GLY A 155 17.93 -22.90 -1.38
C GLY A 155 19.35 -22.44 -1.57
N GLU A 156 20.07 -23.07 -2.49
CA GLU A 156 21.49 -22.78 -2.65
C GLU A 156 21.76 -21.36 -3.10
N PRO A 157 21.05 -20.80 -4.07
CA PRO A 157 21.34 -19.41 -4.46
C PRO A 157 21.18 -18.42 -3.31
N PHE A 158 20.15 -18.60 -2.48
CA PHE A 158 19.94 -17.67 -1.37
C PHE A 158 21.07 -17.74 -0.35
N HIS A 159 21.55 -18.94 -0.04
CA HIS A 159 22.62 -19.07 0.94
C HIS A 159 23.98 -18.66 0.39
N GLU A 160 24.15 -18.67 -0.92
CA GLU A 160 25.35 -18.09 -1.52
C GLU A 160 25.29 -16.56 -1.45
N TYR A 161 24.14 -15.98 -1.82
CA TYR A 161 23.95 -14.54 -1.68
C TYR A 161 24.21 -14.09 -0.25
N LEU A 162 23.80 -14.90 0.73
CA LEU A 162 24.00 -14.52 2.13
C LEU A 162 25.48 -14.39 2.46
N ASP A 163 26.35 -15.11 1.78
CA ASP A 163 27.79 -15.00 1.99
C ASP A 163 28.47 -14.20 0.88
N SER A 164 27.72 -13.41 0.13
CA SER A 164 28.26 -12.57 -0.92
C SER A 164 28.39 -11.13 -0.45
N MET A 165 29.13 -10.33 -1.23
CA MET A 165 29.29 -8.93 -0.88
C MET A 165 27.99 -8.15 -1.04
N PHE A 166 27.03 -8.67 -1.81
CA PHE A 166 25.76 -7.97 -1.97
C PHE A 166 24.93 -8.03 -0.69
N PHE A 167 25.07 -9.10 0.09
CA PHE A 167 24.40 -9.14 1.38
C PHE A 167 25.11 -8.23 2.39
N ASP A 168 26.44 -8.18 2.35
CA ASP A 168 27.14 -7.19 3.14
C ASP A 168 26.67 -5.78 2.80
N ARG A 169 26.44 -5.52 1.51
CA ARG A 169 25.94 -4.21 1.10
C ARG A 169 24.52 -3.99 1.60
N PHE A 170 23.71 -5.05 1.65
CA PHE A 170 22.38 -4.94 2.24
C PHE A 170 22.47 -4.56 3.70
N LEU A 171 23.42 -5.16 4.43
CA LEU A 171 23.60 -4.82 5.84
C LEU A 171 23.98 -3.36 6.02
N GLN A 172 24.83 -2.84 5.12
CA GLN A 172 25.16 -1.42 5.16
C GLN A 172 23.92 -0.56 4.97
N TRP A 173 23.03 -0.98 4.06
CA TRP A 173 21.79 -0.24 3.86
C TRP A 173 20.89 -0.33 5.08
N LYS A 174 20.84 -1.50 5.73
CA LYS A 174 20.04 -1.62 6.95
C LYS A 174 20.62 -0.76 8.07
N TRP A 175 21.95 -0.71 8.18
CA TRP A 175 22.59 0.17 9.15
C TRP A 175 22.14 1.61 8.94
N LEU A 176 22.08 2.06 7.69
CA LEU A 176 21.58 3.40 7.40
C LEU A 176 20.10 3.52 7.72
N GLU A 177 19.33 2.47 7.43
CA GLU A 177 17.90 2.50 7.68
C GLU A 177 17.58 2.70 9.15
N ARG A 178 18.39 2.15 10.04
CA ARG A 178 18.12 2.20 11.47
C ARG A 178 18.66 3.45 12.16
N GLN A 179 19.30 4.34 11.42
CA GLN A 179 19.82 5.55 12.04
C GLN A 179 18.67 6.36 12.66
N PRO A 180 18.95 7.10 13.73
CA PRO A 180 17.88 7.88 14.36
C PRO A 180 17.38 8.98 13.43
N VAL A 181 16.09 9.22 13.47
CA VAL A 181 15.46 10.29 12.70
C VAL A 181 15.04 11.37 13.68
N THR A 182 15.27 12.62 13.30
CA THR A 182 15.01 13.76 14.17
C THR A 182 14.45 14.91 13.34
N LYS A 183 14.13 16.02 14.01
CA LYS A 183 13.58 17.16 13.29
C LYS A 183 14.53 17.64 12.22
N ASN A 184 15.83 17.43 12.41
CA ASN A 184 16.83 17.85 11.42
C ASN A 184 16.89 16.91 10.23
N THR A 185 16.41 15.68 10.36
CA THR A 185 16.26 14.83 9.19
C THR A 185 15.27 15.42 8.20
N PHE A 186 14.36 16.27 8.67
CA PHE A 186 13.28 16.81 7.86
C PHE A 186 13.36 18.32 7.75
N ARG A 187 12.66 18.85 6.76
CA ARG A 187 12.61 20.26 6.45
C ARG A 187 11.15 20.63 6.27
N GLN A 188 10.57 21.30 7.26
CA GLN A 188 9.14 21.58 7.27
C GLN A 188 8.81 22.68 6.26
N TYR A 189 7.55 22.69 5.82
CA TYR A 189 7.12 23.69 4.85
C TYR A 189 5.83 24.37 5.25
N ARG A 190 4.68 23.82 4.83
CA ARG A 190 3.41 24.52 4.90
C ARG A 190 2.36 23.66 5.60
N VAL A 191 1.46 24.33 6.30
CA VAL A 191 0.37 23.65 7.00
C VAL A 191 -0.73 23.37 5.98
N LEU A 192 -0.87 22.10 5.59
CA LEU A 192 -1.87 21.75 4.60
C LEU A 192 -3.28 21.81 5.18
N GLY A 193 -3.46 21.29 6.39
CA GLY A 193 -4.76 21.28 7.01
C GLY A 193 -4.65 21.00 8.50
N LYS A 194 -5.81 20.86 9.12
CA LYS A 194 -5.91 20.66 10.57
C LYS A 194 -6.91 19.54 10.83
N GLY A 195 -6.82 18.97 12.02
CA GLY A 195 -7.69 17.87 12.38
C GLY A 195 -8.18 17.93 13.81
N GLY A 196 -7.89 16.88 14.58
CA GLY A 196 -8.36 16.80 15.95
C GLY A 196 -7.31 17.14 16.98
N PHE A 197 -6.23 16.35 17.01
CA PHE A 197 -5.15 16.55 17.97
C PHE A 197 -4.02 17.42 17.43
N GLY A 198 -4.11 17.88 16.18
CA GLY A 198 -3.08 18.71 15.63
C GLY A 198 -3.31 19.15 14.21
N GLU A 199 -2.26 19.19 13.40
CA GLU A 199 -2.33 19.65 12.02
C GLU A 199 -1.50 18.72 11.15
N VAL A 200 -1.52 19.00 9.84
CA VAL A 200 -0.76 18.24 8.86
C VAL A 200 0.11 19.23 8.08
N CYS A 201 1.42 19.06 8.18
CA CYS A 201 2.40 19.91 7.50
C CYS A 201 3.04 19.14 6.35
N ALA A 202 3.64 19.89 5.44
CA ALA A 202 4.42 19.33 4.35
C ALA A 202 5.88 19.34 4.74
N CYS A 203 6.53 18.18 4.68
CA CYS A 203 7.94 18.05 5.03
C CYS A 203 8.69 17.43 3.87
N GLN A 204 10.02 17.56 3.93
CA GLN A 204 10.91 17.02 2.91
C GLN A 204 12.13 16.43 3.60
N VAL A 205 12.49 15.21 3.23
CA VAL A 205 13.72 14.62 3.73
C VAL A 205 14.89 15.39 3.12
N ARG A 206 15.71 16.00 3.98
CA ARG A 206 16.81 16.81 3.49
C ARG A 206 17.75 15.98 2.60
N ALA A 207 18.12 14.79 3.06
CA ALA A 207 19.19 14.05 2.40
C ALA A 207 18.76 13.50 1.05
N THR A 208 17.48 13.19 0.88
CA THR A 208 16.99 12.58 -0.35
C THR A 208 16.16 13.52 -1.22
N GLY A 209 15.45 14.47 -0.60
CA GLY A 209 14.61 15.39 -1.34
C GLY A 209 13.17 14.95 -1.52
N LYS A 210 12.77 13.82 -0.95
CA LYS A 210 11.41 13.32 -1.12
C LYS A 210 10.45 14.09 -0.22
N MET A 211 9.28 14.41 -0.77
CA MET A 211 8.23 15.10 -0.05
C MET A 211 7.36 14.13 0.73
N TYR A 212 6.74 14.65 1.80
CA TYR A 212 5.89 13.84 2.65
C TYR A 212 4.83 14.75 3.29
N ALA A 213 3.91 14.13 4.03
CA ALA A 213 2.93 14.83 4.83
C ALA A 213 3.22 14.57 6.30
N CYS A 214 3.50 15.63 7.05
CA CYS A 214 3.86 15.52 8.45
C CYS A 214 2.61 15.70 9.30
N LYS A 215 2.10 14.61 9.85
CA LYS A 215 0.94 14.65 10.75
C LYS A 215 1.47 14.91 12.16
N ARG A 216 1.55 16.18 12.52
CA ARG A 216 2.07 16.58 13.83
C ARG A 216 0.94 16.48 14.85
N LEU A 217 1.05 15.53 15.77
CA LEU A 217 0.13 15.40 16.90
C LEU A 217 0.78 16.08 18.10
N GLU A 218 0.18 17.17 18.56
CA GLU A 218 0.79 18.00 19.59
C GLU A 218 0.67 17.34 20.96
N LYS A 219 1.75 17.44 21.74
CA LYS A 219 1.86 16.66 22.96
C LYS A 219 0.76 17.02 23.96
N LYS A 220 0.74 18.29 24.40
CA LYS A 220 -0.22 18.70 25.43
C LYS A 220 -1.63 18.22 25.12
N ARG A 221 -2.02 18.22 23.85
CA ARG A 221 -3.40 17.89 23.50
C ARG A 221 -3.69 16.41 23.71
N ILE A 222 -2.67 15.56 23.61
CA ILE A 222 -2.88 14.13 23.77
C ILE A 222 -2.99 13.75 25.24
N LYS A 223 -2.39 14.55 26.13
CA LYS A 223 -2.39 14.19 27.54
C LYS A 223 -3.68 14.64 28.21
N LYS A 224 -4.04 15.92 28.01
CA LYS A 224 -5.29 16.44 28.54
C LYS A 224 -6.46 15.53 28.17
N ARG A 225 -6.54 15.15 26.89
CA ARG A 225 -7.63 14.30 26.42
C ARG A 225 -7.39 12.82 26.67
N LYS A 226 -6.27 12.46 27.30
CA LYS A 226 -5.97 11.08 27.68
C LYS A 226 -6.27 10.12 26.52
N GLY A 227 -5.67 10.43 25.37
CA GLY A 227 -5.89 9.65 24.17
C GLY A 227 -4.60 9.10 23.60
N GLU A 228 -3.64 8.81 24.48
CA GLU A 228 -2.37 8.25 24.01
C GLU A 228 -2.59 6.90 23.34
N SER A 229 -3.48 6.08 23.88
CA SER A 229 -3.65 4.72 23.38
C SER A 229 -4.07 4.71 21.91
N MET A 230 -5.02 5.57 21.53
CA MET A 230 -5.51 5.60 20.16
C MET A 230 -4.58 6.32 19.21
N ALA A 231 -3.61 7.08 19.73
CA ALA A 231 -2.56 7.62 18.87
C ALA A 231 -1.54 6.54 18.51
N LEU A 232 -1.13 5.76 19.50
CA LEU A 232 -0.26 4.61 19.23
C LEU A 232 -0.94 3.63 18.30
N ASN A 233 -2.25 3.45 18.44
CA ASN A 233 -2.97 2.52 17.59
C ASN A 233 -2.95 2.99 16.13
N GLU A 234 -3.09 4.30 15.90
CA GLU A 234 -3.06 4.81 14.54
C GLU A 234 -1.67 4.65 13.93
N LYS A 235 -0.62 4.88 14.73
CA LYS A 235 0.74 4.76 14.21
C LYS A 235 1.08 3.31 13.89
N GLN A 236 0.64 2.38 14.74
CA GLN A 236 0.94 0.97 14.49
C GLN A 236 0.18 0.43 13.29
N ILE A 237 -1.09 0.84 13.13
CA ILE A 237 -1.86 0.44 11.97
C ILE A 237 -1.24 1.00 10.69
N LEU A 238 -0.84 2.27 10.74
CA LEU A 238 -0.27 2.90 9.55
C LEU A 238 1.03 2.23 9.14
N GLU A 239 1.87 1.83 10.10
CA GLU A 239 3.17 1.28 9.76
C GLU A 239 3.09 -0.17 9.34
N LYS A 240 2.08 -0.91 9.80
CA LYS A 240 1.95 -2.32 9.47
C LYS A 240 1.38 -2.53 8.07
N VAL A 241 0.66 -1.53 7.52
CA VAL A 241 0.02 -1.67 6.21
C VAL A 241 0.89 -1.05 5.13
N ASN A 242 1.12 -1.82 4.05
CA ASN A 242 1.87 -1.36 2.87
C ASN A 242 0.95 -1.56 1.67
N SER A 243 0.08 -0.59 1.42
CA SER A 243 -0.83 -0.61 0.29
C SER A 243 -0.53 0.55 -0.63
N GLN A 244 -0.72 0.34 -1.93
CA GLN A 244 -0.66 1.43 -2.89
C GLN A 244 -1.87 2.35 -2.77
N PHE A 245 -2.89 1.96 -2.01
CA PHE A 245 -4.16 2.67 -1.94
C PHE A 245 -4.50 3.11 -0.53
N VAL A 246 -3.54 3.06 0.39
CA VAL A 246 -3.66 3.62 1.73
C VAL A 246 -2.40 4.40 2.03
N VAL A 247 -2.54 5.50 2.77
CA VAL A 247 -1.38 6.31 3.09
C VAL A 247 -0.41 5.49 3.93
N ASN A 248 0.86 5.48 3.52
CA ASN A 248 1.90 4.69 4.18
C ASN A 248 2.68 5.55 5.15
N LEU A 249 3.06 4.95 6.28
CA LEU A 249 3.94 5.59 7.25
C LEU A 249 5.38 5.33 6.85
N ALA A 250 6.17 6.40 6.75
CA ALA A 250 7.59 6.29 6.47
C ALA A 250 8.47 6.58 7.68
N TYR A 251 8.01 7.45 8.58
CA TYR A 251 8.78 7.78 9.77
C TYR A 251 7.82 8.10 10.92
N ALA A 252 8.29 7.86 12.14
CA ALA A 252 7.59 8.24 13.36
C ALA A 252 8.63 8.72 14.36
N TYR A 253 8.58 10.00 14.71
CA TYR A 253 9.58 10.59 15.60
C TYR A 253 8.94 11.60 16.52
N GLU A 254 9.65 11.92 17.59
CA GLU A 254 9.25 12.92 18.57
C GLU A 254 10.10 14.16 18.39
N THR A 255 9.47 15.33 18.38
CA THR A 255 10.18 16.59 18.30
C THR A 255 10.01 17.34 19.62
N LYS A 256 10.60 18.54 19.67
CA LYS A 256 10.56 19.38 20.86
C LYS A 256 9.21 19.36 21.55
N ASP A 257 8.12 19.54 20.79
CA ASP A 257 6.80 19.66 21.40
C ASP A 257 5.70 18.87 20.69
N ALA A 258 6.03 17.92 19.82
CA ALA A 258 5.01 17.08 19.21
C ALA A 258 5.57 15.71 18.88
N LEU A 259 4.67 14.81 18.47
CA LEU A 259 5.01 13.50 17.92
C LEU A 259 4.43 13.44 16.52
N CYS A 260 5.29 13.42 15.51
CA CYS A 260 4.85 13.50 14.13
C CYS A 260 4.85 12.14 13.45
N LEU A 261 3.91 11.96 12.53
CA LEU A 261 3.88 10.84 11.61
C LEU A 261 4.15 11.36 10.21
N VAL A 262 5.10 10.76 9.51
CA VAL A 262 5.45 11.15 8.16
C VAL A 262 4.74 10.20 7.20
N LEU A 263 3.90 10.75 6.33
CA LEU A 263 2.95 9.99 5.55
C LEU A 263 3.06 10.34 4.07
N THR A 264 2.40 9.52 3.25
CA THR A 264 2.31 9.80 1.83
C THR A 264 1.69 11.17 1.59
N ILE A 265 2.37 11.99 0.81
CA ILE A 265 1.82 13.30 0.43
C ILE A 265 0.90 13.12 -0.77
N MET A 266 -0.27 13.77 -0.70
CA MET A 266 -1.29 13.65 -1.73
C MET A 266 -1.71 15.05 -2.15
N ASN A 267 -1.37 15.44 -3.38
CA ASN A 267 -1.57 16.80 -3.86
C ASN A 267 -2.74 16.93 -4.82
N GLY A 268 -3.40 15.83 -5.16
CA GLY A 268 -4.43 15.87 -6.18
C GLY A 268 -5.83 16.17 -5.70
N GLY A 269 -5.97 16.69 -4.47
CA GLY A 269 -7.29 16.93 -3.92
C GLY A 269 -7.93 15.67 -3.38
N ASP A 270 -9.16 15.82 -2.91
CA ASP A 270 -9.91 14.73 -2.31
C ASP A 270 -11.17 14.45 -3.11
N LEU A 271 -11.81 13.33 -2.82
CA LEU A 271 -12.94 12.87 -3.63
C LEU A 271 -14.16 13.75 -3.45
N LYS A 272 -14.33 14.36 -2.27
CA LYS A 272 -15.45 15.27 -2.07
C LYS A 272 -15.35 16.46 -3.02
N PHE A 273 -14.17 17.07 -3.08
CA PHE A 273 -13.98 18.21 -3.98
C PHE A 273 -14.31 17.84 -5.42
N HIS A 274 -13.89 16.65 -5.85
CA HIS A 274 -14.08 16.26 -7.25
C HIS A 274 -15.51 15.80 -7.53
N ILE A 275 -16.25 15.35 -6.52
CA ILE A 275 -17.65 14.99 -6.74
C ILE A 275 -18.51 16.25 -6.88
N TYR A 276 -18.26 17.26 -6.04
CA TYR A 276 -19.16 18.40 -5.93
C TYR A 276 -18.65 19.67 -6.61
N ASN A 277 -17.36 19.94 -6.56
CA ASN A 277 -16.85 21.15 -7.21
C ASN A 277 -16.49 20.91 -8.67
N MET A 278 -15.91 19.75 -8.98
CA MET A 278 -15.54 19.40 -10.35
C MET A 278 -16.58 18.53 -11.04
N GLY A 279 -17.49 17.92 -10.29
CA GLY A 279 -18.47 17.00 -10.84
C GLY A 279 -19.74 17.68 -11.30
N ASN A 280 -20.77 16.85 -11.48
CA ASN A 280 -22.01 17.31 -12.09
C ASN A 280 -23.04 17.92 -11.15
N PRO A 281 -23.05 17.62 -9.84
CA PRO A 281 -22.17 16.74 -9.06
C PRO A 281 -22.23 15.28 -9.45
N GLY A 282 -21.18 14.53 -9.19
CA GLY A 282 -21.11 13.12 -9.52
C GLY A 282 -20.20 12.86 -10.71
N PHE A 283 -19.91 11.58 -10.91
CA PHE A 283 -19.07 11.12 -11.99
C PHE A 283 -19.86 10.19 -12.91
N GLU A 284 -19.36 10.03 -14.13
CA GLU A 284 -19.77 8.91 -14.96
C GLU A 284 -19.52 7.61 -14.22
N GLU A 285 -20.38 6.62 -14.45
CA GLU A 285 -20.23 5.34 -13.76
C GLU A 285 -18.81 4.80 -13.90
N GLU A 286 -18.25 4.85 -15.12
CA GLU A 286 -16.93 4.28 -15.34
C GLU A 286 -15.88 4.97 -14.48
N ARG A 287 -15.92 6.31 -14.42
CA ARG A 287 -14.97 7.02 -13.58
C ARG A 287 -15.10 6.58 -12.13
N ALA A 288 -16.34 6.45 -11.63
CA ALA A 288 -16.53 5.98 -10.27
C ALA A 288 -16.05 4.54 -10.10
N LEU A 289 -16.23 3.72 -11.13
CA LEU A 289 -15.71 2.34 -11.12
C LEU A 289 -14.23 2.32 -10.78
N PHE A 290 -13.44 3.17 -11.43
CA PHE A 290 -12.01 3.20 -11.19
C PHE A 290 -11.71 3.51 -9.73
N TYR A 291 -12.31 4.57 -9.20
CA TYR A 291 -12.07 4.96 -7.82
C TYR A 291 -12.56 3.90 -6.84
N ALA A 292 -13.73 3.30 -7.14
CA ALA A 292 -14.24 2.25 -6.26
C ALA A 292 -13.31 1.05 -6.23
N ALA A 293 -12.79 0.65 -7.41
CA ALA A 293 -11.88 -0.47 -7.45
C ALA A 293 -10.64 -0.21 -6.62
N GLU A 294 -10.08 1.00 -6.71
CA GLU A 294 -8.90 1.32 -5.91
C GLU A 294 -9.23 1.38 -4.42
N ILE A 295 -10.38 1.96 -4.07
CA ILE A 295 -10.79 1.99 -2.66
C ILE A 295 -10.98 0.57 -2.14
N LEU A 296 -11.59 -0.30 -2.95
CA LEU A 296 -11.78 -1.69 -2.54
C LEU A 296 -10.45 -2.37 -2.28
N CYS A 297 -9.45 -2.11 -3.13
CA CYS A 297 -8.12 -2.67 -2.90
C CYS A 297 -7.49 -2.11 -1.64
N GLY A 298 -7.74 -0.83 -1.33
CA GLY A 298 -7.28 -0.29 -0.07
C GLY A 298 -7.89 -0.99 1.12
N LEU A 299 -9.21 -1.23 1.07
CA LEU A 299 -9.89 -1.89 2.18
C LEU A 299 -9.40 -3.32 2.36
N GLU A 300 -9.10 -4.00 1.25
CA GLU A 300 -8.63 -5.39 1.32
C GLU A 300 -7.25 -5.47 1.98
N ASP A 301 -6.37 -4.53 1.66
CA ASP A 301 -5.07 -4.48 2.32
C ASP A 301 -5.23 -4.25 3.82
N LEU A 302 -6.11 -3.33 4.20
CA LEU A 302 -6.38 -3.12 5.62
C LEU A 302 -6.95 -4.38 6.26
N HIS A 303 -7.88 -5.04 5.57
CA HIS A 303 -8.54 -6.21 6.15
C HIS A 303 -7.61 -7.41 6.25
N ARG A 304 -6.56 -7.47 5.44
CA ARG A 304 -5.57 -8.54 5.62
C ARG A 304 -5.01 -8.51 7.03
N GLU A 305 -4.86 -7.32 7.60
CA GLU A 305 -4.45 -7.11 8.97
C GLU A 305 -5.61 -7.16 9.94
N ASN A 306 -6.76 -7.66 9.50
CA ASN A 306 -7.97 -7.69 10.31
C ASN A 306 -8.20 -6.33 10.98
N THR A 307 -7.95 -5.26 10.23
CA THR A 307 -8.10 -3.90 10.72
C THR A 307 -9.28 -3.24 10.00
N VAL A 308 -10.22 -2.71 10.77
CA VAL A 308 -11.41 -2.08 10.22
C VAL A 308 -11.21 -0.58 10.18
N TYR A 309 -11.64 0.05 9.08
CA TYR A 309 -11.35 1.46 8.82
C TYR A 309 -12.36 2.38 9.48
N ARG A 310 -13.64 2.20 9.20
CA ARG A 310 -14.76 2.83 9.90
C ARG A 310 -14.92 4.32 9.62
N ASN A 311 -14.19 4.88 8.66
CA ASN A 311 -14.25 6.32 8.44
C ASN A 311 -14.36 6.65 6.96
N LEU A 312 -15.04 5.81 6.19
CA LEU A 312 -15.07 5.94 4.74
C LEU A 312 -16.06 7.04 4.36
N LYS A 313 -15.53 8.17 3.91
CA LYS A 313 -16.35 9.25 3.35
C LYS A 313 -15.50 9.99 2.33
N PRO A 314 -16.14 10.68 1.38
CA PRO A 314 -15.38 11.20 0.22
C PRO A 314 -14.22 12.09 0.59
N GLU A 315 -14.29 12.85 1.69
CA GLU A 315 -13.19 13.73 2.02
C GLU A 315 -11.96 12.98 2.53
N ASN A 316 -12.08 11.68 2.80
CA ASN A 316 -10.95 10.88 3.23
C ASN A 316 -10.35 10.04 2.11
N ILE A 317 -10.87 10.13 0.90
CA ILE A 317 -10.25 9.53 -0.27
C ILE A 317 -9.50 10.64 -0.99
N LEU A 318 -8.17 10.63 -0.88
CA LEU A 318 -7.33 11.66 -1.48
C LEU A 318 -6.79 11.19 -2.81
N LEU A 319 -6.41 12.16 -3.64
CA LEU A 319 -5.78 11.89 -4.93
C LEU A 319 -4.34 12.35 -4.89
N ASP A 320 -3.49 11.67 -5.66
CA ASP A 320 -2.08 12.02 -5.75
C ASP A 320 -1.83 12.78 -7.07
N ASP A 321 -0.55 13.00 -7.37
CA ASP A 321 -0.20 13.76 -8.57
C ASP A 321 -0.62 13.05 -9.85
N TYR A 322 -0.78 11.73 -9.81
CA TYR A 322 -1.05 10.96 -11.01
C TYR A 322 -2.53 10.70 -11.25
N GLY A 323 -3.37 10.89 -10.24
CA GLY A 323 -4.79 10.61 -10.36
C GLY A 323 -5.25 9.40 -9.60
N HIS A 324 -4.36 8.67 -8.94
CA HIS A 324 -4.73 7.52 -8.13
C HIS A 324 -5.11 7.98 -6.73
N ILE A 325 -5.87 7.15 -6.04
CA ILE A 325 -6.41 7.51 -4.75
C ILE A 325 -5.75 6.68 -3.65
N ARG A 326 -5.81 7.20 -2.44
CA ARG A 326 -5.43 6.46 -1.24
C ARG A 326 -6.41 6.82 -0.12
N ILE A 327 -6.68 5.84 0.74
CA ILE A 327 -7.43 6.09 1.96
C ILE A 327 -6.54 6.83 2.94
N SER A 328 -7.02 7.97 3.44
CA SER A 328 -6.16 8.93 4.12
C SER A 328 -6.26 8.91 5.64
N ASP A 329 -7.47 9.03 6.19
CA ASP A 329 -7.56 9.03 7.64
C ASP A 329 -7.35 7.62 8.17
N LEU A 330 -7.01 7.52 9.45
CA LEU A 330 -6.90 6.21 10.09
C LEU A 330 -7.03 6.34 11.60
N GLY A 331 -7.44 7.52 12.07
CA GLY A 331 -7.58 7.74 13.50
C GLY A 331 -8.71 6.96 14.13
N LEU A 332 -9.74 6.63 13.35
CA LEU A 332 -10.84 5.80 13.83
C LEU A 332 -10.66 4.34 13.45
N ALA A 333 -9.45 3.92 13.14
CA ALA A 333 -9.16 2.55 12.74
C ALA A 333 -8.68 1.75 13.94
N VAL A 334 -9.06 0.48 13.97
CA VAL A 334 -8.67 -0.43 15.05
C VAL A 334 -8.43 -1.80 14.47
N LYS A 335 -7.46 -2.52 15.03
CA LYS A 335 -7.14 -3.88 14.63
C LYS A 335 -8.03 -4.82 15.44
N ILE A 336 -8.97 -5.46 14.76
CA ILE A 336 -9.90 -6.38 15.44
C ILE A 336 -9.15 -7.64 15.84
N PRO A 337 -9.20 -8.07 17.10
CA PRO A 337 -8.59 -9.36 17.46
C PRO A 337 -9.21 -10.49 16.64
N GLU A 338 -8.36 -11.28 15.99
CA GLU A 338 -8.82 -12.35 15.13
C GLU A 338 -9.83 -13.23 15.85
N GLY A 339 -10.99 -13.42 15.22
CA GLY A 339 -12.05 -14.21 15.79
C GLY A 339 -12.96 -13.48 16.74
N ASP A 340 -12.71 -12.19 16.99
CA ASP A 340 -13.48 -11.39 17.91
C ASP A 340 -14.15 -10.25 17.18
N LEU A 341 -15.18 -9.69 17.82
CA LEU A 341 -15.89 -8.52 17.34
C LEU A 341 -15.61 -7.34 18.25
N ILE A 342 -15.76 -6.13 17.71
CA ILE A 342 -15.53 -4.91 18.46
C ILE A 342 -16.86 -4.20 18.65
N ARG A 343 -16.82 -3.14 19.46
CA ARG A 343 -17.98 -2.27 19.67
C ARG A 343 -17.48 -0.83 19.68
N GLY A 344 -18.23 0.04 19.01
CA GLY A 344 -17.84 1.45 18.95
C GLY A 344 -18.71 2.28 18.03
N ARG A 345 -19.52 3.17 18.61
CA ARG A 345 -20.36 4.07 17.83
C ARG A 345 -19.52 5.30 17.50
N VAL A 346 -18.76 5.20 16.41
CA VAL A 346 -17.88 6.27 15.95
C VAL A 346 -18.13 6.48 14.46
N GLY A 347 -17.69 7.64 13.97
CA GLY A 347 -17.69 7.95 12.57
C GLY A 347 -18.32 9.30 12.31
N THR A 348 -18.79 9.47 11.08
CA THR A 348 -19.41 10.71 10.64
C THR A 348 -20.89 10.48 10.36
N VAL A 349 -21.70 11.50 10.67
CA VAL A 349 -23.13 11.39 10.42
C VAL A 349 -23.36 11.00 8.96
N GLY A 350 -24.27 10.05 8.74
CA GLY A 350 -24.63 9.66 7.40
C GLY A 350 -23.72 8.64 6.75
N TYR A 351 -22.54 8.40 7.32
CA TYR A 351 -21.63 7.38 6.81
C TYR A 351 -21.37 6.28 7.84
N MET A 352 -22.30 6.09 8.78
CA MET A 352 -22.22 5.02 9.75
C MET A 352 -23.14 3.88 9.34
N ALA A 353 -22.59 2.66 9.31
CA ALA A 353 -23.40 1.49 9.02
C ALA A 353 -24.44 1.28 10.12
N PRO A 354 -25.58 0.66 9.81
CA PRO A 354 -26.60 0.49 10.85
C PRO A 354 -26.11 -0.26 12.08
N GLU A 355 -25.28 -1.29 11.91
CA GLU A 355 -24.79 -2.03 13.08
C GLU A 355 -23.95 -1.13 13.98
N VAL A 356 -23.30 -0.12 13.42
CA VAL A 356 -22.54 0.83 14.22
C VAL A 356 -23.48 1.80 14.92
N LEU A 357 -24.47 2.33 14.19
CA LEU A 357 -25.44 3.24 14.81
C LEU A 357 -26.15 2.59 15.99
N ASN A 358 -26.46 1.29 15.87
CA ASN A 358 -27.10 0.56 16.94
C ASN A 358 -26.13 0.17 18.05
N ASN A 359 -24.85 0.53 17.92
CA ASN A 359 -23.85 0.25 18.96
C ASN A 359 -23.77 -1.26 19.23
N GLN A 360 -23.70 -2.03 18.15
CA GLN A 360 -23.62 -3.48 18.24
C GLN A 360 -22.19 -3.95 18.03
N ARG A 361 -21.99 -5.25 18.22
CA ARG A 361 -20.69 -5.88 18.00
C ARG A 361 -20.56 -6.23 16.53
N TYR A 362 -19.58 -5.64 15.85
CA TYR A 362 -19.40 -5.80 14.42
C TYR A 362 -17.95 -6.16 14.13
N GLY A 363 -17.68 -6.45 12.86
CA GLY A 363 -16.34 -6.72 12.42
C GLY A 363 -15.90 -5.72 11.36
N LEU A 364 -15.55 -6.23 10.17
CA LEU A 364 -15.13 -5.36 9.08
C LEU A 364 -16.32 -4.79 8.30
N SER A 365 -17.54 -5.23 8.59
CA SER A 365 -18.67 -4.89 7.74
C SER A 365 -18.87 -3.38 7.55
N PRO A 366 -18.66 -2.52 8.54
CA PRO A 366 -18.88 -1.09 8.30
C PRO A 366 -18.13 -0.57 7.08
N ASP A 367 -17.00 -1.18 6.73
CA ASP A 367 -16.20 -0.68 5.62
C ASP A 367 -16.88 -0.95 4.27
N TYR A 368 -17.56 -2.09 4.14
CA TYR A 368 -18.27 -2.35 2.89
C TYR A 368 -19.54 -1.52 2.80
N TRP A 369 -20.21 -1.29 3.92
CA TRP A 369 -21.27 -0.28 3.95
C TRP A 369 -20.73 1.06 3.46
N GLY A 370 -19.57 1.47 3.96
CA GLY A 370 -18.96 2.70 3.48
C GLY A 370 -18.70 2.66 1.99
N LEU A 371 -18.13 1.56 1.51
CA LEU A 371 -17.89 1.42 0.08
C LEU A 371 -19.19 1.62 -0.70
N GLY A 372 -20.29 1.08 -0.18
CA GLY A 372 -21.58 1.32 -0.82
C GLY A 372 -21.94 2.79 -0.87
N CYS A 373 -21.76 3.49 0.25
CA CYS A 373 -22.04 4.91 0.28
C CYS A 373 -21.20 5.68 -0.73
N LEU A 374 -19.93 5.31 -0.87
CA LEU A 374 -19.04 6.02 -1.79
C LEU A 374 -19.44 5.80 -3.24
N ILE A 375 -19.68 4.54 -3.63
CA ILE A 375 -20.06 4.25 -5.01
C ILE A 375 -21.36 4.98 -5.36
N TYR A 376 -22.35 4.89 -4.47
CA TYR A 376 -23.60 5.61 -4.69
C TYR A 376 -23.34 7.10 -4.84
N GLU A 377 -22.58 7.69 -3.92
CA GLU A 377 -22.40 9.14 -3.93
C GLU A 377 -21.63 9.60 -5.15
N MET A 378 -20.69 8.78 -5.64
CA MET A 378 -19.95 9.15 -6.84
C MET A 378 -20.86 9.19 -8.06
N ILE A 379 -21.74 8.19 -8.19
CA ILE A 379 -22.58 8.11 -9.38
C ILE A 379 -23.71 9.13 -9.33
N GLU A 380 -24.38 9.26 -8.18
CA GLU A 380 -25.57 10.08 -8.09
C GLU A 380 -25.29 11.54 -7.75
N GLY A 381 -24.14 11.85 -7.16
CA GLY A 381 -23.85 13.21 -6.77
C GLY A 381 -24.49 13.63 -5.47
N GLN A 382 -24.94 12.67 -4.66
CA GLN A 382 -25.48 12.98 -3.34
C GLN A 382 -25.48 11.70 -2.52
N SER A 383 -25.60 11.87 -1.21
CA SER A 383 -25.64 10.73 -0.30
C SER A 383 -26.94 9.95 -0.49
N PRO A 384 -26.90 8.63 -0.31
CA PRO A 384 -28.12 7.83 -0.54
C PRO A 384 -29.22 8.05 0.49
N PHE A 385 -28.94 8.72 1.61
CA PHE A 385 -29.93 8.93 2.65
C PHE A 385 -30.09 10.41 3.02
N ARG A 386 -29.45 11.31 2.29
CA ARG A 386 -29.54 12.74 2.58
C ARG A 386 -29.40 13.47 1.25
N GLY A 387 -30.49 14.07 0.79
CA GLY A 387 -30.43 14.82 -0.46
C GLY A 387 -29.43 15.96 -0.37
N ARG A 388 -28.70 16.18 -1.47
CA ARG A 388 -27.75 17.28 -1.50
C ARG A 388 -28.42 18.59 -1.12
N LYS A 389 -29.70 18.76 -1.49
CA LYS A 389 -30.45 19.97 -1.24
C LYS A 389 -31.58 19.69 -0.26
N GLU A 390 -31.24 19.21 0.94
CA GLU A 390 -32.23 18.79 1.92
C GLU A 390 -31.77 19.21 3.30
N LYS A 391 -32.61 19.99 3.99
CA LYS A 391 -32.35 20.40 5.37
C LYS A 391 -33.01 19.37 6.27
N VAL A 392 -32.20 18.46 6.83
CA VAL A 392 -32.68 17.38 7.67
C VAL A 392 -31.78 17.24 8.89
N LYS A 393 -32.37 16.76 9.98
CA LYS A 393 -31.66 16.60 11.24
C LYS A 393 -30.90 15.28 11.27
N ARG A 394 -29.92 15.21 12.17
CA ARG A 394 -29.16 13.96 12.34
C ARG A 394 -30.07 12.78 12.61
N GLU A 395 -31.19 13.01 13.29
CA GLU A 395 -32.06 11.91 13.67
C GLU A 395 -32.73 11.29 12.44
N GLU A 396 -33.30 12.13 11.57
CA GLU A 396 -33.97 11.62 10.38
C GLU A 396 -32.98 10.89 9.47
N VAL A 397 -31.77 11.44 9.33
CA VAL A 397 -30.76 10.76 8.55
C VAL A 397 -30.51 9.36 9.11
N ASP A 398 -30.29 9.27 10.43
CA ASP A 398 -30.04 7.97 11.04
C ASP A 398 -31.24 7.04 10.89
N ARG A 399 -32.45 7.59 11.01
CA ARG A 399 -33.64 6.79 10.75
C ARG A 399 -33.61 6.24 9.33
N ARG A 400 -33.31 7.08 8.36
CA ARG A 400 -33.24 6.62 6.97
C ARG A 400 -32.22 5.49 6.82
N VAL A 401 -31.04 5.66 7.43
CA VAL A 401 -29.98 4.66 7.30
C VAL A 401 -30.43 3.32 7.84
N LEU A 402 -31.39 3.31 8.77
CA LEU A 402 -31.79 2.09 9.46
C LEU A 402 -33.03 1.43 8.88
N GLU A 403 -33.87 2.15 8.15
CA GLU A 403 -35.14 1.58 7.71
C GLU A 403 -35.44 1.84 6.24
N THR A 404 -35.03 2.99 5.73
CA THR A 404 -35.41 3.39 4.38
C THR A 404 -34.53 2.69 3.35
N GLU A 405 -35.16 2.12 2.34
CA GLU A 405 -34.43 1.51 1.22
C GLU A 405 -34.09 2.60 0.21
N GLU A 406 -32.80 2.77 -0.07
CA GLU A 406 -32.38 3.81 -0.99
C GLU A 406 -32.91 3.54 -2.39
N VAL A 407 -33.06 4.61 -3.18
CA VAL A 407 -33.55 4.51 -4.54
C VAL A 407 -32.44 4.88 -5.50
N TYR A 408 -32.57 4.41 -6.74
CA TYR A 408 -31.57 4.60 -7.77
C TYR A 408 -32.20 5.26 -8.99
N SER A 409 -31.34 5.75 -9.87
CA SER A 409 -31.76 6.49 -11.05
C SER A 409 -31.13 5.86 -12.28
N HIS A 410 -31.39 6.48 -13.44
CA HIS A 410 -30.81 6.02 -14.70
C HIS A 410 -29.31 6.29 -14.79
N LYS A 411 -28.72 6.98 -13.80
CA LYS A 411 -27.27 7.08 -13.77
C LYS A 411 -26.61 5.75 -13.41
N PHE A 412 -27.37 4.78 -12.92
CA PHE A 412 -26.85 3.49 -12.51
C PHE A 412 -27.20 2.45 -13.56
N SER A 413 -26.20 1.68 -13.99
CA SER A 413 -26.49 0.44 -14.70
C SER A 413 -27.08 -0.57 -13.73
N GLU A 414 -27.68 -1.62 -14.27
CA GLU A 414 -28.21 -2.69 -13.42
C GLU A 414 -27.10 -3.23 -12.52
N GLU A 415 -25.87 -3.32 -13.04
CA GLU A 415 -24.76 -3.80 -12.25
C GLU A 415 -24.40 -2.83 -11.12
N ALA A 416 -24.46 -1.52 -11.40
CA ALA A 416 -24.16 -0.54 -10.37
C ALA A 416 -25.24 -0.51 -9.30
N LYS A 417 -26.51 -0.59 -9.71
CA LYS A 417 -27.59 -0.72 -8.73
C LYS A 417 -27.33 -1.93 -7.83
N SER A 418 -26.99 -3.07 -8.42
CA SER A 418 -26.83 -4.30 -7.68
C SER A 418 -25.78 -4.16 -6.58
N ILE A 419 -24.55 -3.80 -6.98
CA ILE A 419 -23.46 -3.76 -5.99
C ILE A 419 -23.79 -2.78 -4.88
N CYS A 420 -24.41 -1.65 -5.22
CA CYS A 420 -24.72 -0.64 -4.20
C CYS A 420 -25.73 -1.18 -3.20
N LYS A 421 -26.85 -1.73 -3.68
CA LYS A 421 -27.86 -2.25 -2.77
C LYS A 421 -27.40 -3.53 -2.08
N MET A 422 -26.35 -4.18 -2.60
CA MET A 422 -25.77 -5.31 -1.87
C MET A 422 -24.83 -4.83 -0.77
N LEU A 423 -23.98 -3.83 -1.08
CA LEU A 423 -23.12 -3.25 -0.07
C LEU A 423 -23.90 -2.43 0.95
N LEU A 424 -25.07 -1.93 0.57
CA LEU A 424 -25.93 -1.17 1.48
C LEU A 424 -26.99 -2.04 2.13
N THR A 425 -26.76 -3.35 2.18
CA THR A 425 -27.70 -4.26 2.85
C THR A 425 -27.71 -3.96 4.35
N LYS A 426 -28.90 -3.61 4.87
CA LYS A 426 -29.01 -3.22 6.26
C LYS A 426 -28.43 -4.30 7.18
N ASP A 427 -28.86 -5.55 6.99
CA ASP A 427 -28.38 -6.66 7.81
C ASP A 427 -26.90 -6.88 7.50
N ALA A 428 -26.04 -6.61 8.48
CA ALA A 428 -24.60 -6.67 8.23
C ALA A 428 -24.14 -8.06 7.82
N LYS A 429 -24.94 -9.11 8.06
CA LYS A 429 -24.52 -10.46 7.73
C LYS A 429 -24.93 -10.88 6.32
N GLN A 430 -25.85 -10.16 5.68
CA GLN A 430 -26.21 -10.39 4.29
C GLN A 430 -25.53 -9.40 3.36
N ARG A 431 -24.49 -8.71 3.83
CA ARG A 431 -23.88 -7.62 3.09
C ARG A 431 -22.68 -8.11 2.30
N LEU A 432 -22.56 -7.63 1.07
CA LEU A 432 -21.50 -8.07 0.18
C LEU A 432 -20.14 -7.90 0.83
N GLY A 433 -19.27 -8.87 0.61
CA GLY A 433 -17.93 -8.84 1.16
C GLY A 433 -17.82 -9.15 2.64
N CYS A 434 -18.95 -9.28 3.35
CA CYS A 434 -18.94 -9.58 4.78
C CYS A 434 -19.09 -11.06 5.04
N GLN A 435 -18.70 -11.90 4.09
CA GLN A 435 -18.70 -13.35 4.25
C GLN A 435 -17.28 -13.83 4.53
N GLU A 436 -17.13 -15.14 4.68
CA GLU A 436 -15.81 -15.72 4.89
C GLU A 436 -14.87 -15.38 3.74
N GLU A 437 -15.42 -15.13 2.55
CA GLU A 437 -14.59 -14.87 1.38
C GLU A 437 -14.02 -13.46 1.39
N GLY A 438 -14.79 -12.47 1.85
CA GLY A 438 -14.28 -11.13 2.01
C GLY A 438 -14.25 -10.34 0.72
N ALA A 439 -13.17 -9.57 0.51
CA ALA A 439 -13.13 -8.65 -0.61
C ALA A 439 -13.24 -9.37 -1.95
N ALA A 440 -12.76 -10.61 -2.04
CA ALA A 440 -12.83 -11.33 -3.30
C ALA A 440 -14.26 -11.44 -3.81
N GLU A 441 -15.22 -11.57 -2.90
CA GLU A 441 -16.62 -11.63 -3.32
C GLU A 441 -17.06 -10.35 -4.01
N VAL A 442 -16.51 -9.21 -3.58
CA VAL A 442 -16.89 -7.93 -4.16
C VAL A 442 -16.23 -7.75 -5.52
N LYS A 443 -14.97 -8.18 -5.65
CA LYS A 443 -14.28 -8.03 -6.93
C LYS A 443 -14.93 -8.85 -8.04
N ARG A 444 -15.59 -9.95 -7.67
CA ARG A 444 -16.28 -10.78 -8.65
C ARG A 444 -17.61 -10.19 -9.09
N HIS A 445 -18.13 -9.20 -8.35
CA HIS A 445 -19.46 -8.69 -8.65
C HIS A 445 -19.50 -8.14 -10.07
N PRO A 446 -20.62 -8.33 -10.79
CA PRO A 446 -20.66 -7.87 -12.19
C PRO A 446 -20.35 -6.40 -12.37
N PHE A 447 -20.42 -5.59 -11.31
CA PHE A 447 -20.12 -4.17 -11.44
C PHE A 447 -18.67 -3.93 -11.84
N PHE A 448 -17.79 -4.87 -11.49
CA PHE A 448 -16.39 -4.83 -11.90
C PHE A 448 -16.10 -5.78 -13.05
N ARG A 449 -17.13 -6.20 -13.79
CA ARG A 449 -16.95 -7.16 -14.87
C ARG A 449 -15.90 -6.70 -15.87
N ASN A 450 -15.81 -5.39 -16.11
CA ASN A 450 -14.84 -4.82 -17.04
C ASN A 450 -13.59 -4.30 -16.36
N MET A 451 -13.37 -4.67 -15.10
CA MET A 451 -12.23 -4.22 -14.32
C MET A 451 -11.26 -5.39 -14.13
N ASN A 452 -10.01 -5.19 -14.53
CA ASN A 452 -8.95 -6.19 -14.39
C ASN A 452 -8.10 -5.78 -13.19
N PHE A 453 -8.32 -6.43 -12.06
CA PHE A 453 -7.70 -5.98 -10.81
C PHE A 453 -6.19 -6.20 -10.81
N LYS A 454 -5.70 -7.20 -11.55
CA LYS A 454 -4.26 -7.42 -11.61
C LYS A 454 -3.55 -6.25 -12.27
N ARG A 455 -4.15 -5.65 -13.30
CA ARG A 455 -3.54 -4.49 -13.94
C ARG A 455 -3.71 -3.25 -13.08
N LEU A 456 -4.84 -3.11 -12.40
CA LEU A 456 -5.03 -1.98 -11.49
C LEU A 456 -4.03 -2.05 -10.34
N GLU A 457 -3.93 -3.20 -9.68
CA GLU A 457 -2.97 -3.34 -8.59
C GLU A 457 -1.55 -3.08 -9.07
N ALA A 458 -1.28 -3.34 -10.35
CA ALA A 458 0.04 -3.09 -10.93
C ALA A 458 0.24 -1.66 -11.38
N GLY A 459 -0.80 -0.82 -11.30
CA GLY A 459 -0.67 0.56 -11.68
C GLY A 459 -0.64 0.82 -13.18
N MET A 460 -1.25 -0.07 -13.97
CA MET A 460 -1.19 0.03 -15.42
C MET A 460 -2.44 0.66 -16.04
N LEU A 461 -3.46 0.94 -15.26
CA LEU A 461 -4.69 1.54 -15.78
C LEU A 461 -4.63 3.05 -15.61
N ASP A 462 -4.81 3.77 -16.71
CA ASP A 462 -4.74 5.23 -16.68
C ASP A 462 -5.86 5.80 -15.83
N PRO A 463 -5.57 6.52 -14.75
CA PRO A 463 -6.64 7.16 -13.97
C PRO A 463 -7.51 8.04 -14.85
N PRO A 464 -8.77 8.28 -14.44
CA PRO A 464 -9.68 9.06 -15.29
C PRO A 464 -9.48 10.57 -15.21
N PHE A 465 -8.80 11.06 -14.18
CA PHE A 465 -8.54 12.48 -14.05
C PHE A 465 -7.14 12.67 -13.49
N VAL A 466 -6.34 13.51 -14.15
CA VAL A 466 -4.97 13.77 -13.75
C VAL A 466 -4.90 15.21 -13.23
N PRO A 467 -4.71 15.43 -11.93
CA PRO A 467 -4.64 16.81 -11.42
C PRO A 467 -3.41 17.53 -11.97
N ASP A 468 -3.62 18.77 -12.39
CA ASP A 468 -2.51 19.59 -12.85
C ASP A 468 -1.56 19.84 -11.68
N PRO A 469 -0.25 19.64 -11.86
CA PRO A 469 0.66 19.81 -10.71
C PRO A 469 0.51 21.14 -10.01
N ARG A 470 0.39 22.22 -10.77
CA ARG A 470 0.35 23.56 -10.20
C ARG A 470 -0.95 23.88 -9.48
N ALA A 471 -1.95 23.02 -9.60
CA ALA A 471 -3.27 23.33 -9.07
C ALA A 471 -3.25 23.45 -7.55
N VAL A 472 -4.09 24.35 -7.03
CA VAL A 472 -4.30 24.52 -5.60
C VAL A 472 -5.81 24.59 -5.37
N TYR A 473 -6.27 23.94 -4.30
CA TYR A 473 -7.70 23.84 -4.04
C TYR A 473 -8.08 24.52 -2.72
N LEU A 491 4.38 15.47 31.29
CA LEU A 491 5.30 16.46 31.84
C LEU A 491 6.41 15.80 32.64
N ASP A 492 6.27 14.50 32.87
CA ASP A 492 7.25 13.75 33.64
C ASP A 492 7.66 12.48 32.89
N HIS A 493 8.42 11.60 33.53
CA HIS A 493 8.69 10.29 32.93
C HIS A 493 7.44 9.43 32.84
N THR A 494 6.37 9.82 33.53
CA THR A 494 5.09 9.12 33.41
C THR A 494 4.70 8.96 31.94
N ASP A 495 4.95 9.98 31.13
CA ASP A 495 4.64 9.92 29.70
C ASP A 495 5.77 9.35 28.87
N ASP A 496 7.01 9.38 29.37
CA ASP A 496 8.16 8.99 28.55
C ASP A 496 7.98 7.61 27.94
N ASP A 497 7.33 6.68 28.65
CA ASP A 497 7.18 5.34 28.12
C ASP A 497 6.30 5.32 26.88
N PHE A 498 5.30 6.20 26.81
CA PHE A 498 4.49 6.30 25.61
C PHE A 498 5.30 6.91 24.46
N TYR A 499 6.15 7.88 24.76
CA TYR A 499 6.97 8.50 23.73
C TYR A 499 7.86 7.48 23.04
N SER A 500 8.46 6.57 23.81
CA SER A 500 9.46 5.67 23.24
C SER A 500 8.83 4.66 22.30
N LYS A 501 7.69 4.09 22.67
CA LYS A 501 7.02 3.13 21.81
C LYS A 501 6.50 3.76 20.53
N PHE A 502 6.25 5.07 20.54
CA PHE A 502 5.73 5.75 19.36
C PHE A 502 6.85 6.13 18.40
N SER A 503 7.92 6.75 18.91
CA SER A 503 9.01 7.23 18.08
C SER A 503 9.94 6.07 17.72
N THR A 504 9.43 5.18 16.88
CA THR A 504 10.21 4.03 16.44
C THR A 504 11.16 4.37 15.30
N GLY A 505 10.97 5.51 14.64
CA GLY A 505 11.86 5.91 13.58
C GLY A 505 11.38 5.52 12.20
N SER A 506 12.32 5.31 11.28
CA SER A 506 11.97 5.02 9.89
C SER A 506 11.32 3.65 9.76
N VAL A 507 10.44 3.53 8.77
CA VAL A 507 9.78 2.27 8.44
C VAL A 507 10.53 1.61 7.29
N SER A 508 10.74 0.30 7.40
CA SER A 508 11.70 -0.39 6.55
C SER A 508 11.34 -0.26 5.07
N ILE A 509 10.17 -0.76 4.69
CA ILE A 509 9.81 -0.81 3.28
C ILE A 509 9.70 0.60 2.69
N PRO A 510 8.96 1.53 3.31
CA PRO A 510 8.91 2.89 2.72
C PRO A 510 10.27 3.54 2.63
N TRP A 511 11.09 3.42 3.68
CA TRP A 511 12.42 4.02 3.66
C TRP A 511 13.22 3.53 2.45
N GLN A 512 13.30 2.20 2.27
CA GLN A 512 14.04 1.66 1.14
C GLN A 512 13.46 2.14 -0.18
N ASN A 513 12.13 2.20 -0.27
CA ASN A 513 11.49 2.74 -1.46
C ASN A 513 11.88 4.19 -1.70
N GLU A 514 11.93 4.99 -0.62
CA GLU A 514 12.40 6.36 -0.76
C GLU A 514 13.81 6.40 -1.34
N MET A 515 14.69 5.53 -0.84
CA MET A 515 16.06 5.49 -1.35
C MET A 515 16.09 5.18 -2.84
N ILE A 516 15.20 4.30 -3.30
CA ILE A 516 15.20 3.90 -4.70
C ILE A 516 14.61 5.02 -5.57
N GLU A 517 13.46 5.56 -5.17
CA GLU A 517 12.82 6.60 -5.96
C GLU A 517 13.75 7.79 -6.16
N THR A 518 14.32 8.31 -5.07
CA THR A 518 15.20 9.47 -5.15
C THR A 518 16.53 9.17 -5.83
N GLU A 519 16.74 7.94 -6.29
CA GLU A 519 17.97 7.51 -6.96
C GLU A 519 19.19 7.58 -6.05
N CYS A 520 19.00 7.76 -4.73
CA CYS A 520 20.12 7.65 -3.82
C CYS A 520 20.74 6.25 -3.89
N PHE A 521 19.89 5.23 -4.05
CA PHE A 521 20.39 3.86 -4.15
C PHE A 521 21.23 3.69 -5.42
N LYS A 522 20.65 4.03 -6.58
CA LYS A 522 21.38 3.91 -7.84
C LYS A 522 22.74 4.56 -7.76
N GLU A 523 22.84 5.69 -7.06
CA GLU A 523 24.06 6.46 -7.03
C GLU A 523 25.06 5.97 -6.00
N LEU A 524 24.59 5.58 -4.82
CA LEU A 524 25.48 5.13 -3.76
C LEU A 524 25.81 3.64 -3.85
N ASN A 525 24.95 2.84 -4.47
CA ASN A 525 25.16 1.39 -4.55
C ASN A 525 26.19 1.11 -5.66
N VAL A 526 27.43 1.46 -5.36
CA VAL A 526 28.55 1.31 -6.28
C VAL A 526 29.57 0.39 -5.65
N PHE A 527 30.00 -0.62 -6.41
CA PHE A 527 30.99 -1.57 -5.95
C PHE A 527 32.34 -1.26 -6.60
N GLY A 528 33.23 -2.24 -6.67
CA GLY A 528 34.55 -2.04 -7.22
C GLY A 528 34.60 -2.27 -8.71
N PRO A 529 35.65 -1.78 -9.35
CA PRO A 529 35.80 -2.01 -10.80
C PRO A 529 35.97 -3.48 -11.13
N ASN A 530 35.25 -3.92 -12.16
CA ASN A 530 35.34 -5.31 -12.65
C ASN A 530 34.94 -6.30 -11.56
N GLY A 531 33.80 -6.05 -10.92
CA GLY A 531 33.28 -6.96 -9.93
C GLY A 531 34.17 -7.17 -8.73
N THR A 532 35.17 -6.31 -8.55
CA THR A 532 36.00 -6.39 -7.36
C THR A 532 35.26 -5.78 -6.18
N LEU A 533 35.86 -5.87 -5.03
CA LEU A 533 35.24 -5.48 -3.77
C LEU A 533 35.67 -4.07 -3.40
N PRO A 534 34.74 -3.19 -3.07
CA PRO A 534 35.12 -1.80 -2.74
C PRO A 534 35.63 -1.67 -1.32
N PRO A 535 36.27 -0.54 -0.98
CA PRO A 535 36.87 -0.43 0.36
C PRO A 535 35.89 -0.62 1.50
N ASP A 536 34.71 0.01 1.42
CA ASP A 536 33.75 -0.05 2.50
C ASP A 536 33.29 -1.48 2.79
N LEU A 537 33.53 -2.42 1.89
CA LEU A 537 33.20 -3.83 2.10
C LEU A 537 34.43 -4.70 2.32
N ASN A 538 35.59 -4.09 2.56
CA ASN A 538 36.82 -4.83 2.79
C ASN A 538 37.14 -4.81 4.28
N ARG A 539 37.22 -5.99 4.88
CA ARG A 539 37.57 -6.09 6.30
C ARG A 539 39.05 -5.87 6.56
N ASN A 540 39.85 -5.65 5.52
CA ASN A 540 41.29 -5.53 5.65
C ASN A 540 41.79 -4.09 5.62
N HIS A 541 40.89 -3.12 5.58
CA HIS A 541 41.30 -1.73 5.69
C HIS A 541 40.10 -0.85 5.98
N PRO A 542 39.74 -0.65 7.26
CA PRO A 542 38.61 0.20 7.64
C PRO A 542 38.76 1.65 7.21
#